data_7V4R
#
_entry.id   7V4R
#
_cell.length_a   43.537
_cell.length_b   53.091
_cell.length_c   189.843
_cell.angle_alpha   90.000
_cell.angle_beta   90.000
_cell.angle_gamma   90.000
#
_symmetry.space_group_name_H-M   'P 21 21 21'
#
loop_
_entity.id
_entity.type
_entity.pdbx_description
1 polymer 'Serine protease NS3'
2 non-polymer 'NICKEL (II) ION'
3 non-polymer 'PHOSPHATE ION'
4 water water
#
_entity_poly.entity_id   1
_entity_poly.type   'polypeptide(L)'
_entity_poly.pdbx_seq_one_letter_code
;GSVDPLSVQGTGWMSKGQITVLDMHPGSGKTHRVLPELVRQCADRGMRTLVLAPTRVVLKEMERALAGKKVRFHSPAVEG
QTTAGAIVDVMCHATYVHRRLLPQGRQNWEVAIMDEAHWTDPHSIAARGHLYSLAKENRCALVLMTATPPGRGDPFPESN
GAIMSEERAIPDGEWREGFDWITEYEGRTAWFVPSISKGGAVARTLRQRGKSVICLNSKTFEKDYLRVREEKPDFVVTTD
ISEMGANLDVSRVIDGRTNIKPEEVDGKVELTGTRKVTTASAAQRRGRVGRTSGRTDEYIYSGQCDDDDTSLVQWKEAQI
LLDNITTLRGPVATFYGPEQVKMPEVAGHYRLNEEKRKHFRHLMTQCDFTPWLAWHVATNTSNVLDRSWTWQGPEENAID
GADGDLVRFKTPGGSERVLQPVWKDCRMFREGRDVKDFILYASGRR
;
_entity_poly.pdbx_strand_id   A
#
loop_
_chem_comp.id
_chem_comp.type
_chem_comp.name
_chem_comp.formula
NI non-polymer 'NICKEL (II) ION' 'Ni 2'
PO4 non-polymer 'PHOSPHATE ION' 'O4 P -3'
#
# COMPACT_ATOMS: atom_id res chain seq x y z
N PRO A 5 19.48 9.24 16.03
CA PRO A 5 19.73 9.97 14.78
C PRO A 5 19.91 11.47 15.01
N LEU A 6 20.95 12.05 14.40
CA LEU A 6 21.35 13.41 14.74
C LEU A 6 20.26 14.43 14.44
N SER A 7 19.58 14.28 13.30
CA SER A 7 18.63 15.31 12.87
C SER A 7 17.48 15.48 13.84
N VAL A 8 17.11 14.42 14.56
CA VAL A 8 15.99 14.47 15.50
C VAL A 8 16.46 14.63 16.95
N GLN A 9 17.68 15.11 17.15
CA GLN A 9 18.18 15.34 18.49
C GLN A 9 18.00 16.80 18.86
N GLY A 10 17.44 17.03 20.05
CA GLY A 10 16.95 18.34 20.40
C GLY A 10 15.52 18.52 19.91
N THR A 11 15.13 19.77 19.66
CA THR A 11 13.76 20.08 19.30
C THR A 11 13.64 20.75 17.93
N GLY A 12 14.74 20.87 17.20
CA GLY A 12 14.70 21.57 15.92
C GLY A 12 13.82 20.88 14.89
N TRP A 13 13.71 19.55 14.96
CA TRP A 13 12.87 18.81 14.03
C TRP A 13 11.39 19.09 14.22
N MET A 14 11.01 19.79 15.30
CA MET A 14 9.62 20.09 15.60
C MET A 14 9.15 21.42 15.03
N SER A 15 10.06 22.25 14.54
CA SER A 15 9.67 23.56 14.02
C SER A 15 8.87 23.43 12.74
N LYS A 16 7.88 24.30 12.57
CA LYS A 16 7.04 24.27 11.38
C LYS A 16 7.87 24.58 10.14
N GLY A 17 7.68 23.76 9.09
CA GLY A 17 8.44 23.89 7.87
C GLY A 17 9.63 22.95 7.77
N GLN A 18 10.02 22.31 8.88
CA GLN A 18 11.15 21.39 8.87
C GLN A 18 10.71 20.03 8.34
N ILE A 19 11.46 19.51 7.37
CA ILE A 19 11.22 18.19 6.79
C ILE A 19 12.42 17.33 7.11
N THR A 20 12.20 16.29 7.91
CA THR A 20 13.26 15.38 8.35
C THR A 20 13.00 14.00 7.75
N VAL A 21 13.97 13.49 7.01
CA VAL A 21 13.89 12.16 6.42
C VAL A 21 14.78 11.24 7.24
N LEU A 22 14.17 10.38 8.05
CA LEU A 22 14.90 9.40 8.86
C LEU A 22 15.11 8.16 8.01
N ASP A 23 16.24 8.12 7.31
CA ASP A 23 16.51 7.07 6.34
C ASP A 23 17.51 6.05 6.85
N MET A 24 17.31 5.52 8.05
CA MET A 24 18.31 4.60 8.56
C MET A 24 18.07 3.24 7.92
N HIS A 25 19.16 2.48 7.75
CA HIS A 25 19.05 1.19 7.08
C HIS A 25 18.20 0.24 7.93
N PRO A 26 17.59 -0.78 7.30
CA PRO A 26 16.64 -1.65 8.01
C PRO A 26 17.28 -2.31 9.23
N GLY A 27 16.46 -2.52 10.26
CA GLY A 27 16.92 -3.07 11.51
C GLY A 27 17.44 -2.04 12.50
N SER A 28 17.38 -0.75 12.16
CA SER A 28 17.87 0.29 13.06
C SER A 28 16.94 0.57 14.22
N GLY A 29 15.71 0.05 14.19
CA GLY A 29 14.75 0.32 15.24
C GLY A 29 13.93 1.57 15.04
N LYS A 30 13.75 2.00 13.78
CA LYS A 30 13.04 3.25 13.52
C LYS A 30 11.57 3.17 13.91
N THR A 31 10.95 1.99 13.77
CA THR A 31 9.51 1.87 13.99
C THR A 31 9.19 1.67 15.47
N HIS A 32 9.78 0.65 16.08
CA HIS A 32 9.38 0.21 17.41
C HIS A 32 10.10 0.95 18.54
N ARG A 33 11.10 1.76 18.23
CA ARG A 33 11.83 2.43 19.30
C ARG A 33 12.05 3.92 19.05
N VAL A 34 12.41 4.32 17.83
CA VAL A 34 12.64 5.74 17.56
C VAL A 34 11.32 6.48 17.48
N LEU A 35 10.34 5.92 16.78
CA LEU A 35 9.03 6.57 16.65
C LEU A 35 8.33 6.78 17.99
N PRO A 36 8.18 5.77 18.86
CA PRO A 36 7.47 6.02 20.13
C PRO A 36 8.13 7.08 20.98
N GLU A 37 9.46 7.21 20.92
CA GLU A 37 10.12 8.29 21.65
C GLU A 37 9.87 9.64 21.00
N LEU A 38 9.72 9.68 19.68
CA LEU A 38 9.32 10.92 19.02
C LEU A 38 7.89 11.29 19.40
N VAL A 39 7.01 10.31 19.48
CA VAL A 39 5.62 10.57 19.86
C VAL A 39 5.54 11.05 21.30
N ARG A 40 6.27 10.37 22.21
CA ARG A 40 6.25 10.77 23.61
C ARG A 40 6.87 12.15 23.82
N GLN A 41 7.85 12.52 23.00
CA GLN A 41 8.40 13.88 23.08
C GLN A 41 7.37 14.90 22.61
N CYS A 42 6.59 14.57 21.59
CA CYS A 42 5.53 15.46 21.15
C CYS A 42 4.39 15.54 22.16
N ALA A 43 4.08 14.40 22.80
CA ALA A 43 2.92 14.33 23.67
C ALA A 43 3.14 15.10 24.97
N ASP A 44 4.28 14.87 25.63
CA ASP A 44 4.50 15.55 26.92
C ASP A 44 4.72 17.05 26.76
N ARG A 45 4.75 17.56 25.53
CA ARG A 45 4.93 18.98 25.26
C ARG A 45 3.67 19.64 24.72
N GLY A 46 2.56 18.90 24.60
CA GLY A 46 1.30 19.50 24.22
C GLY A 46 1.21 19.97 22.79
N MET A 47 1.89 19.30 21.86
CA MET A 47 1.84 19.66 20.45
C MET A 47 0.96 18.67 19.70
N ARG A 48 0.02 19.20 18.91
CA ARG A 48 -0.88 18.36 18.12
C ARG A 48 -0.08 17.57 17.10
N THR A 49 -0.06 16.25 17.23
CA THR A 49 0.80 15.39 16.44
C THR A 49 -0.03 14.32 15.72
N LEU A 50 0.35 14.05 14.47
CA LEU A 50 -0.25 13.00 13.67
C LEU A 50 0.80 11.92 13.41
N VAL A 51 0.42 10.66 13.63
CA VAL A 51 1.29 9.53 13.38
C VAL A 51 0.60 8.62 12.38
N LEU A 52 1.30 8.31 11.29
CA LEU A 52 0.76 7.50 10.21
C LEU A 52 1.50 6.17 10.15
N ALA A 53 0.78 5.07 10.40
CA ALA A 53 1.25 3.70 10.31
C ALA A 53 0.84 3.10 8.96
N PRO A 54 1.65 2.20 8.40
CA PRO A 54 1.30 1.61 7.09
C PRO A 54 0.03 0.76 7.14
N THR A 55 -0.06 -0.15 8.09
CA THR A 55 -1.19 -1.07 8.18
C THR A 55 -1.72 -1.10 9.62
N ARG A 56 -2.88 -1.75 9.78
CA ARG A 56 -3.52 -1.84 11.09
C ARG A 56 -2.70 -2.69 12.04
N VAL A 57 -2.01 -3.72 11.54
CA VAL A 57 -1.10 -4.51 12.37
C VAL A 57 -0.13 -3.59 13.10
N VAL A 58 0.51 -2.70 12.35
CA VAL A 58 1.60 -1.94 12.95
C VAL A 58 1.00 -0.87 13.85
N LEU A 59 -0.23 -0.46 13.53
CA LEU A 59 -0.97 0.50 14.35
C LEU A 59 -1.17 -0.01 15.76
N LYS A 60 -1.61 -1.27 15.90
CA LYS A 60 -1.81 -1.82 17.24
C LYS A 60 -0.48 -2.06 17.94
N GLU A 61 0.59 -2.29 17.18
CA GLU A 61 1.91 -2.34 17.79
C GLU A 61 2.32 -0.96 18.27
N MET A 62 2.23 0.05 17.40
CA MET A 62 2.44 1.44 17.81
C MET A 62 1.58 1.80 19.02
N GLU A 63 0.43 1.15 19.17
CA GLU A 63 -0.48 1.45 20.27
C GLU A 63 0.13 1.09 21.62
N ARG A 64 0.88 0.00 21.67
CA ARG A 64 1.31 -0.58 22.94
C ARG A 64 2.12 0.42 23.75
N ALA A 65 1.59 0.77 24.92
CA ALA A 65 2.17 1.71 25.88
C ALA A 65 2.11 3.17 25.41
N LEU A 66 1.20 3.50 24.51
CA LEU A 66 1.02 4.88 24.07
C LEU A 66 -0.41 5.38 24.21
N ALA A 67 -1.40 4.52 23.97
CA ALA A 67 -2.80 4.94 23.96
C ALA A 67 -3.22 5.47 25.32
N GLY A 68 -4.26 6.30 25.32
CA GLY A 68 -4.81 6.88 26.53
C GLY A 68 -5.55 8.16 26.20
N LYS A 69 -5.64 9.04 27.20
CA LYS A 69 -6.16 10.38 26.96
C LYS A 69 -5.16 11.24 26.21
N LYS A 70 -3.90 10.83 26.16
CA LYS A 70 -2.89 11.57 25.41
C LYS A 70 -2.87 11.19 23.94
N VAL A 71 -3.00 9.90 23.63
CA VAL A 71 -2.92 9.41 22.26
C VAL A 71 -4.24 8.76 21.91
N ARG A 72 -4.88 9.27 20.86
CA ARG A 72 -6.24 8.92 20.48
C ARG A 72 -6.19 8.19 19.13
N PHE A 73 -6.78 7.00 19.08
CA PHE A 73 -6.55 6.07 17.99
C PHE A 73 -7.75 5.98 17.04
N HIS A 74 -7.46 5.51 15.83
CA HIS A 74 -8.45 5.39 14.77
C HIS A 74 -8.24 4.08 14.03
N SER A 75 -9.31 3.30 13.88
CA SER A 75 -9.25 2.04 13.17
C SER A 75 -9.42 2.23 11.66
N ALA A 77 -10.00 3.38 7.90
CA ALA A 77 -10.98 4.43 7.67
C ALA A 77 -11.94 4.54 8.85
N VAL A 78 -12.11 5.76 9.37
CA VAL A 78 -13.02 6.06 10.45
C VAL A 78 -13.75 7.35 10.14
N GLU A 79 -14.66 7.73 11.04
CA GLU A 79 -15.37 9.00 10.87
C GLU A 79 -15.87 9.58 12.19
N GLY A 80 -15.34 9.14 13.33
CA GLY A 80 -15.79 9.65 14.61
C GLY A 80 -14.94 10.82 15.09
N GLN A 81 -15.60 11.72 15.82
CA GLN A 81 -14.95 12.93 16.33
C GLN A 81 -15.27 13.07 17.82
N THR A 82 -14.23 13.32 18.62
CA THR A 82 -14.41 13.54 20.05
C THR A 82 -13.33 14.47 20.58
N ALA A 86 -7.18 14.92 23.36
CA ALA A 86 -6.58 14.22 22.23
C ALA A 86 -5.67 15.15 21.42
N ILE A 87 -4.38 15.12 21.73
CA ILE A 87 -3.41 15.90 20.96
C ILE A 87 -2.62 15.04 19.98
N VAL A 88 -2.48 13.74 20.24
CA VAL A 88 -1.75 12.83 19.37
C VAL A 88 -2.75 11.89 18.72
N ASP A 89 -2.78 11.89 17.39
CA ASP A 89 -3.68 11.03 16.63
C ASP A 89 -2.84 10.06 15.81
N VAL A 90 -3.08 8.77 15.99
CA VAL A 90 -2.35 7.72 15.30
C VAL A 90 -3.34 6.93 14.44
N MET A 91 -3.01 6.76 13.17
CA MET A 91 -3.92 6.11 12.23
C MET A 91 -3.09 5.54 11.08
N CYS A 92 -3.78 4.91 10.13
CA CYS A 92 -3.14 4.34 8.96
C CYS A 92 -3.00 5.38 7.86
N HIS A 93 -2.19 5.05 6.85
CA HIS A 93 -2.01 5.94 5.70
C HIS A 93 -3.34 6.16 4.98
N ALA A 94 -4.08 5.09 4.76
CA ALA A 94 -5.36 5.21 4.05
C ALA A 94 -6.41 5.89 4.92
N THR A 95 -6.38 5.63 6.23
CA THR A 95 -7.34 6.27 7.14
C THR A 95 -7.18 7.79 7.10
N TYR A 96 -5.94 8.28 7.00
CA TYR A 96 -5.73 9.72 6.88
C TYR A 96 -6.37 10.27 5.62
N VAL A 97 -6.18 9.57 4.49
CA VAL A 97 -6.78 10.02 3.24
C VAL A 97 -8.29 9.94 3.30
N HIS A 98 -8.83 8.86 3.85
CA HIS A 98 -10.28 8.66 3.87
C HIS A 98 -10.96 9.68 4.77
N ARG A 99 -10.32 10.05 5.89
CA ARG A 99 -10.91 11.06 6.76
C ARG A 99 -10.93 12.44 6.10
N ARG A 100 -9.92 12.75 5.29
CA ARG A 100 -9.86 14.03 4.60
C ARG A 100 -10.79 14.11 3.41
N LEU A 101 -11.39 13.00 2.99
CA LEU A 101 -12.44 13.03 1.98
C LEU A 101 -13.77 13.53 2.56
N LEU A 102 -13.91 13.57 3.90
CA LEU A 102 -15.02 14.04 4.70
C LEU A 102 -14.88 15.53 5.00
N PRO A 103 -15.99 16.26 5.12
CA PRO A 103 -15.91 17.62 5.65
C PRO A 103 -15.54 17.67 7.11
N GLN A 104 -15.94 16.66 7.89
CA GLN A 104 -15.70 16.60 9.32
C GLN A 104 -14.34 16.01 9.69
N GLY A 105 -13.51 15.68 8.70
CA GLY A 105 -12.24 15.06 8.98
C GLY A 105 -11.04 15.75 8.36
N ARG A 106 -11.13 17.07 8.19
CA ARG A 106 -10.05 17.86 7.61
C ARG A 106 -9.27 18.62 8.67
N GLN A 107 -9.08 17.99 9.84
CA GLN A 107 -8.29 18.60 10.91
C GLN A 107 -6.81 18.56 10.55
N ASN A 108 -6.05 19.47 11.15
CA ASN A 108 -4.63 19.62 10.87
C ASN A 108 -3.81 19.44 12.14
N TRP A 109 -2.56 19.02 11.95
CA TRP A 109 -1.61 18.85 13.04
C TRP A 109 -0.34 19.65 12.73
N GLU A 110 0.31 20.13 13.80
CA GLU A 110 1.56 20.88 13.68
C GLU A 110 2.78 20.00 13.54
N VAL A 111 2.69 18.72 13.92
CA VAL A 111 3.76 17.76 13.73
C VAL A 111 3.17 16.50 13.12
N ALA A 112 3.80 16.00 12.07
CA ALA A 112 3.34 14.80 11.38
C ALA A 112 4.52 13.84 11.19
N ILE A 113 4.34 12.60 11.63
CA ILE A 113 5.34 11.56 11.50
C ILE A 113 4.73 10.41 10.72
N MET A 114 5.34 10.07 9.58
CA MET A 114 4.84 9.02 8.70
C MET A 114 5.87 7.90 8.63
N ASP A 115 5.48 6.71 9.07
CA ASP A 115 6.35 5.54 9.03
C ASP A 115 6.19 4.82 7.70
N GLU A 116 7.27 4.20 7.25
CA GLU A 116 7.31 3.49 5.96
C GLU A 116 6.80 4.39 4.83
N ALA A 117 7.39 5.57 4.72
CA ALA A 117 6.99 6.59 3.77
C ALA A 117 7.40 6.28 2.33
N HIS A 118 7.89 5.06 2.06
CA HIS A 118 8.24 4.64 0.71
C HIS A 118 7.10 3.93 0.00
N TRP A 119 6.03 3.60 0.72
CA TRP A 119 4.96 2.79 0.14
C TRP A 119 4.35 3.48 -1.08
N THR A 120 4.32 2.76 -2.19
CA THR A 120 3.79 3.28 -3.44
C THR A 120 2.31 2.99 -3.63
N ASP A 121 1.61 2.63 -2.55
CA ASP A 121 0.15 2.58 -2.60
C ASP A 121 -0.38 4.00 -2.79
N PRO A 122 -1.41 4.18 -3.62
CA PRO A 122 -1.89 5.55 -3.90
C PRO A 122 -2.27 6.33 -2.65
N HIS A 123 -2.77 5.67 -1.60
CA HIS A 123 -3.08 6.38 -0.37
C HIS A 123 -1.83 6.89 0.32
N SER A 124 -0.75 6.12 0.27
CA SER A 124 0.49 6.54 0.91
C SER A 124 1.16 7.67 0.13
N ILE A 125 1.15 7.59 -1.20
CA ILE A 125 1.72 8.65 -2.02
C ILE A 125 0.97 9.96 -1.79
N ALA A 126 -0.36 9.89 -1.76
CA ALA A 126 -1.17 11.09 -1.52
C ALA A 126 -0.98 11.61 -0.09
N ALA A 127 -0.81 10.71 0.87
CA ALA A 127 -0.63 11.14 2.26
C ALA A 127 0.66 11.92 2.44
N ARG A 128 1.78 11.34 2.00
CA ARG A 128 3.05 12.04 2.13
C ARG A 128 3.15 13.24 1.20
N GLY A 129 2.39 13.24 0.10
CA GLY A 129 2.36 14.42 -0.76
C GLY A 129 1.65 15.60 -0.11
N HIS A 130 0.53 15.33 0.57
CA HIS A 130 -0.19 16.39 1.25
C HIS A 130 0.61 16.94 2.43
N LEU A 131 1.21 16.05 3.22
CA LEU A 131 2.00 16.49 4.37
C LEU A 131 3.23 17.27 3.92
N TYR A 132 3.86 16.84 2.83
CA TYR A 132 5.00 17.57 2.29
C TYR A 132 4.59 18.97 1.83
N SER A 133 3.42 19.08 1.21
CA SER A 133 2.92 20.39 0.79
C SER A 133 2.62 21.28 1.98
N LEU A 134 2.06 20.71 3.05
CA LEU A 134 1.81 21.49 4.26
C LEU A 134 3.10 21.97 4.89
N ALA A 135 4.13 21.11 4.91
CA ALA A 135 5.41 21.49 5.46
C ALA A 135 6.08 22.57 4.62
N LYS A 136 6.01 22.45 3.30
CA LYS A 136 6.56 23.48 2.42
C LYS A 136 5.85 24.82 2.60
N GLU A 137 4.63 24.81 3.11
CA GLU A 137 3.89 26.02 3.42
C GLU A 137 4.07 26.48 4.85
N ASN A 138 5.05 25.91 5.57
CA ASN A 138 5.37 26.30 6.95
C ASN A 138 4.17 26.13 7.88
N ARG A 139 3.32 25.14 7.60
CA ARG A 139 2.13 24.91 8.41
C ARG A 139 2.23 23.67 9.29
N CYS A 140 3.32 22.93 9.20
CA CYS A 140 3.55 21.75 10.05
C CYS A 140 4.98 21.28 9.88
N ALA A 141 5.42 20.48 10.84
CA ALA A 141 6.69 19.77 10.74
C ALA A 141 6.41 18.35 10.28
N LEU A 142 7.32 17.82 9.45
CA LEU A 142 7.12 16.52 8.83
C LEU A 142 8.35 15.64 9.05
N VAL A 143 8.10 14.40 9.48
CA VAL A 143 9.15 13.40 9.64
C VAL A 143 8.77 12.19 8.80
N LEU A 144 9.57 11.90 7.79
CA LEU A 144 9.38 10.72 6.95
C LEU A 144 10.42 9.67 7.33
N MET A 145 9.95 8.46 7.62
CA MET A 145 10.80 7.39 8.12
C MET A 145 10.72 6.20 7.15
N THR A 146 11.82 5.91 6.48
CA THR A 146 11.90 4.79 5.55
C THR A 146 13.36 4.55 5.20
N ALA A 147 13.74 3.28 5.10
CA ALA A 147 15.10 2.94 4.71
C ALA A 147 15.38 3.20 3.24
N THR A 148 14.33 3.38 2.43
CA THR A 148 14.44 3.63 1.00
C THR A 148 13.62 4.86 0.66
N PRO A 149 14.16 6.06 0.91
CA PRO A 149 13.39 7.27 0.64
C PRO A 149 13.22 7.48 -0.88
N PRO A 150 12.17 8.17 -1.29
CA PRO A 150 12.01 8.44 -2.72
C PRO A 150 13.20 9.21 -3.29
N GLY A 151 13.77 8.67 -4.35
CA GLY A 151 14.97 9.20 -4.97
C GLY A 151 15.86 8.06 -5.41
N ARG A 152 17.14 8.37 -5.60
CA ARG A 152 18.10 7.36 -6.00
C ARG A 152 18.27 6.34 -4.87
N GLY A 153 18.43 5.07 -5.25
CA GLY A 153 18.48 4.01 -4.28
C GLY A 153 19.51 2.96 -4.63
N ASP A 154 19.89 2.19 -3.62
CA ASP A 154 20.82 1.08 -3.74
C ASP A 154 20.08 -0.22 -3.47
N PRO A 155 20.05 -1.17 -4.42
CA PRO A 155 19.36 -2.45 -4.14
C PRO A 155 20.02 -3.28 -3.05
N PHE A 156 21.26 -2.97 -2.68
CA PHE A 156 21.97 -3.70 -1.62
C PHE A 156 22.46 -2.71 -0.57
N PRO A 157 21.54 -2.12 0.22
CA PRO A 157 21.99 -1.21 1.28
C PRO A 157 22.63 -1.96 2.44
N GLU A 158 23.13 -1.24 3.43
CA GLU A 158 23.72 -1.92 4.58
C GLU A 158 22.65 -2.62 5.40
N SER A 159 23.04 -3.71 6.04
CA SER A 159 22.22 -4.40 7.03
C SER A 159 23.01 -4.49 8.33
N ASN A 160 22.28 -4.76 9.42
CA ASN A 160 22.98 -4.97 10.69
C ASN A 160 23.83 -6.23 10.66
N GLY A 161 23.46 -7.20 9.82
CA GLY A 161 24.22 -8.42 9.69
C GLY A 161 24.49 -8.75 8.23
N ALA A 162 25.42 -9.68 8.04
CA ALA A 162 25.86 -10.05 6.70
C ALA A 162 24.73 -10.71 5.92
N ILE A 163 24.60 -10.32 4.66
CA ILE A 163 23.63 -10.91 3.74
C ILE A 163 24.39 -11.49 2.56
N MET A 164 24.16 -12.77 2.28
CA MET A 164 24.73 -13.41 1.09
C MET A 164 23.75 -13.25 -0.05
N SER A 165 24.06 -12.35 -0.98
CA SER A 165 23.22 -12.07 -2.12
C SER A 165 23.74 -12.84 -3.33
N GLU A 166 22.89 -13.72 -3.88
CA GLU A 166 23.27 -14.56 -5.01
C GLU A 166 22.11 -14.63 -5.98
N GLU A 167 22.42 -14.47 -7.27
CA GLU A 167 21.41 -14.56 -8.31
C GLU A 167 21.17 -16.03 -8.69
N ARG A 168 19.90 -16.42 -8.76
CA ARG A 168 19.56 -17.79 -9.09
C ARG A 168 18.24 -17.81 -9.85
N ALA A 169 18.07 -18.82 -10.68
CA ALA A 169 16.79 -19.04 -11.35
C ALA A 169 15.74 -19.42 -10.33
N ILE A 170 14.61 -18.70 -10.33
CA ILE A 170 13.55 -18.87 -9.35
C ILE A 170 12.31 -19.35 -10.10
N PRO A 171 11.61 -20.37 -9.59
CA PRO A 171 10.44 -20.89 -10.30
C PRO A 171 9.36 -19.82 -10.48
N ASP A 172 8.84 -19.74 -11.70
CA ASP A 172 7.76 -18.81 -12.03
C ASP A 172 6.40 -19.44 -11.72
N GLY A 173 6.23 -19.77 -10.43
CA GLY A 173 5.04 -20.47 -9.98
C GLY A 173 5.36 -21.87 -9.53
N GLU A 174 4.59 -22.85 -10.03
CA GLU A 174 4.85 -24.24 -9.69
C GLU A 174 6.08 -24.76 -10.42
N TRP A 175 6.69 -25.80 -9.86
CA TRP A 175 7.82 -26.47 -10.49
C TRP A 175 7.76 -27.95 -10.16
N ARG A 176 8.30 -28.76 -11.07
CA ARG A 176 8.25 -30.22 -10.95
C ARG A 176 9.60 -30.86 -10.64
N GLU A 177 10.68 -30.35 -11.22
CA GLU A 177 12.01 -30.90 -11.00
C GLU A 177 13.01 -29.76 -10.83
N GLY A 178 14.12 -30.08 -10.18
CA GLY A 178 15.15 -29.09 -9.94
C GLY A 178 14.81 -28.17 -8.79
N PHE A 179 15.55 -27.07 -8.72
CA PHE A 179 15.37 -26.05 -7.69
C PHE A 179 15.44 -26.66 -6.29
N ASP A 180 16.33 -27.65 -6.14
CA ASP A 180 16.41 -28.38 -4.87
C ASP A 180 16.81 -27.46 -3.72
N TRP A 181 17.68 -26.48 -4.00
CA TRP A 181 18.14 -25.54 -2.97
C TRP A 181 16.98 -24.88 -2.24
N ILE A 182 15.78 -24.87 -2.82
CA ILE A 182 14.62 -24.29 -2.16
C ILE A 182 14.22 -25.11 -0.95
N THR A 183 14.06 -26.42 -1.13
CA THR A 183 13.52 -27.28 -0.09
C THR A 183 14.58 -27.82 0.86
N GLU A 184 15.86 -27.78 0.47
CA GLU A 184 16.90 -28.30 1.35
C GLU A 184 17.15 -27.36 2.50
N TYR A 185 16.87 -26.07 2.28
CA TYR A 185 17.31 -25.03 3.18
C TYR A 185 16.76 -25.28 4.57
N GLU A 186 17.67 -25.30 5.55
CA GLU A 186 17.29 -25.43 6.95
C GLU A 186 17.07 -24.03 7.51
N GLY A 187 15.82 -23.72 7.82
CA GLY A 187 15.46 -22.38 8.26
C GLY A 187 14.18 -21.91 7.60
N ARG A 188 13.74 -20.70 7.94
CA ARG A 188 12.50 -20.14 7.42
C ARG A 188 12.82 -19.14 6.31
N THR A 189 11.95 -19.13 5.29
CA THR A 189 12.18 -18.35 4.08
C THR A 189 11.00 -17.43 3.82
N ALA A 190 11.30 -16.23 3.31
CA ALA A 190 10.29 -15.32 2.80
C ALA A 190 10.43 -15.26 1.28
N TRP A 191 9.40 -15.71 0.58
CA TRP A 191 9.40 -15.79 -0.88
C TRP A 191 8.46 -14.71 -1.42
N PHE A 192 9.02 -13.72 -2.09
CA PHE A 192 8.24 -12.64 -2.67
C PHE A 192 7.77 -13.02 -4.06
N VAL A 193 6.48 -12.83 -4.31
CA VAL A 193 5.86 -13.19 -5.59
C VAL A 193 5.19 -11.94 -6.18
N PRO A 194 5.03 -11.86 -7.50
CA PRO A 194 4.47 -10.63 -8.09
C PRO A 194 2.97 -10.46 -7.88
N SER A 195 2.24 -11.52 -7.58
CA SER A 195 0.78 -11.43 -7.50
C SER A 195 0.25 -12.54 -6.60
N ILE A 196 -1.02 -12.41 -6.25
CA ILE A 196 -1.69 -13.46 -5.47
C ILE A 196 -1.79 -14.74 -6.29
N SER A 197 -2.05 -14.61 -7.59
CA SER A 197 -2.13 -15.78 -8.46
C SER A 197 -0.81 -16.54 -8.48
N LYS A 198 0.30 -15.82 -8.63
CA LYS A 198 1.61 -16.47 -8.61
C LYS A 198 1.90 -17.05 -7.23
N GLY A 199 1.50 -16.34 -6.17
CA GLY A 199 1.73 -16.84 -4.83
C GLY A 199 0.96 -18.12 -4.55
N GLY A 200 -0.26 -18.23 -5.07
CA GLY A 200 -1.00 -19.46 -4.94
C GLY A 200 -0.28 -20.63 -5.57
N ALA A 201 0.25 -20.44 -6.78
CA ALA A 201 0.97 -21.52 -7.46
C ALA A 201 2.22 -21.92 -6.70
N VAL A 202 2.98 -20.94 -6.21
CA VAL A 202 4.19 -21.24 -5.44
C VAL A 202 3.82 -21.99 -4.17
N ALA A 203 2.71 -21.61 -3.55
CA ALA A 203 2.31 -22.25 -2.29
C ALA A 203 1.85 -23.69 -2.50
N ARG A 204 1.20 -23.97 -3.64
CA ARG A 204 0.79 -25.34 -3.94
C ARG A 204 1.98 -26.30 -3.91
N THR A 205 3.02 -25.97 -4.67
CA THR A 205 4.18 -26.85 -4.74
C THR A 205 4.85 -26.99 -3.39
N LEU A 206 4.96 -25.89 -2.64
CA LEU A 206 5.61 -25.93 -1.34
C LEU A 206 4.88 -26.84 -0.37
N ARG A 207 3.54 -26.76 -0.36
CA ARG A 207 2.77 -27.65 0.52
C ARG A 207 2.82 -29.10 0.03
N GLN A 208 2.93 -29.30 -1.28
CA GLN A 208 3.09 -30.66 -1.79
C GLN A 208 4.41 -31.28 -1.35
N ARG A 209 5.45 -30.47 -1.20
CA ARG A 209 6.74 -30.94 -0.70
C ARG A 209 6.76 -31.11 0.82
N GLY A 210 5.62 -30.95 1.48
CA GLY A 210 5.56 -31.14 2.92
C GLY A 210 5.95 -29.95 3.75
N LYS A 211 5.97 -28.75 3.16
CA LYS A 211 6.37 -27.53 3.86
C LYS A 211 5.14 -26.75 4.31
N SER A 212 5.25 -26.14 5.49
CA SER A 212 4.20 -25.26 5.98
C SER A 212 4.34 -23.89 5.34
N VAL A 213 3.21 -23.33 4.89
CA VAL A 213 3.19 -22.08 4.14
C VAL A 213 2.11 -21.17 4.71
N ILE A 214 2.44 -19.88 4.81
CA ILE A 214 1.46 -18.83 5.11
C ILE A 214 1.56 -17.80 3.99
N CYS A 215 0.44 -17.51 3.35
CA CYS A 215 0.39 -16.56 2.23
C CYS A 215 -0.03 -15.19 2.73
N LEU A 216 0.78 -14.18 2.41
CA LEU A 216 0.51 -12.80 2.80
C LEU A 216 0.28 -11.96 1.55
N ASN A 217 -0.81 -11.21 1.54
CA ASN A 217 -1.10 -10.28 0.45
C ASN A 217 -1.97 -9.17 1.00
N SER A 218 -2.46 -8.32 0.10
CA SER A 218 -3.24 -7.16 0.53
C SER A 218 -4.52 -7.55 1.25
N LYS A 219 -5.07 -8.73 0.97
CA LYS A 219 -6.32 -9.10 1.63
C LYS A 219 -6.13 -9.94 2.88
N THR A 220 -5.00 -10.63 3.00
CA THR A 220 -4.78 -11.54 4.12
C THR A 220 -3.79 -11.00 5.14
N PHE A 221 -3.13 -9.87 4.87
CA PHE A 221 -2.06 -9.40 5.74
C PHE A 221 -2.58 -9.10 7.14
N GLU A 222 -3.68 -8.34 7.23
CA GLU A 222 -4.13 -7.88 8.55
C GLU A 222 -4.53 -9.02 9.45
N LYS A 223 -4.95 -10.15 8.90
CA LYS A 223 -5.36 -11.30 9.70
C LYS A 223 -4.27 -12.36 9.81
N ASP A 224 -3.52 -12.64 8.74
CA ASP A 224 -2.60 -13.76 8.72
C ASP A 224 -1.18 -13.40 9.11
N TYR A 225 -0.78 -12.13 8.98
CA TYR A 225 0.58 -11.75 9.37
C TYR A 225 0.83 -12.07 10.84
N LEU A 226 -0.21 -12.03 11.67
CA LEU A 226 -0.03 -12.30 13.09
C LEU A 226 0.38 -13.74 13.33
N ARG A 227 -0.05 -14.65 12.46
CA ARG A 227 0.23 -16.08 12.61
C ARG A 227 1.68 -16.42 12.28
N VAL A 228 2.45 -15.49 11.72
CA VAL A 228 3.80 -15.84 11.28
C VAL A 228 4.71 -16.13 12.48
N ARG A 229 4.71 -15.25 13.50
CA ARG A 229 5.63 -15.58 14.59
C ARG A 229 5.06 -16.71 15.43
N GLU A 230 3.73 -16.84 15.44
CA GLU A 230 3.07 -17.83 16.26
C GLU A 230 3.37 -19.23 15.74
N GLU A 231 3.21 -19.43 14.43
CA GLU A 231 3.32 -20.75 13.83
C GLU A 231 4.67 -21.02 13.20
N LYS A 232 5.48 -19.99 12.97
CA LYS A 232 6.82 -20.12 12.42
C LYS A 232 6.86 -21.04 11.18
N PRO A 233 6.19 -20.63 10.10
CA PRO A 233 6.10 -21.51 8.93
C PRO A 233 7.43 -21.60 8.20
N ASP A 234 7.61 -22.73 7.49
CA ASP A 234 8.82 -22.91 6.69
C ASP A 234 8.95 -21.81 5.65
N PHE A 235 7.84 -21.40 5.05
CA PHE A 235 7.84 -20.40 4.00
C PHE A 235 6.72 -19.40 4.23
N VAL A 236 7.02 -18.14 3.96
CA VAL A 236 6.01 -17.09 3.87
C VAL A 236 5.99 -16.62 2.43
N VAL A 237 4.94 -16.97 1.70
CA VAL A 237 4.78 -16.56 0.31
C VAL A 237 4.00 -15.25 0.31
N THR A 238 4.69 -14.15 0.04
CA THR A 238 4.11 -12.83 0.21
C THR A 238 4.24 -12.00 -1.06
N THR A 239 3.30 -11.07 -1.22
CA THR A 239 3.40 -10.05 -2.25
C THR A 239 4.23 -8.89 -1.73
N ASP A 240 4.17 -7.73 -2.38
CA ASP A 240 4.92 -6.57 -1.92
C ASP A 240 4.34 -5.96 -0.65
N ILE A 241 3.30 -6.56 -0.07
CA ILE A 241 2.70 -6.02 1.15
C ILE A 241 3.68 -6.12 2.32
N SER A 242 4.62 -7.05 2.27
CA SER A 242 5.59 -7.26 3.34
C SER A 242 6.81 -6.35 3.22
N GLU A 243 6.79 -5.39 2.30
CA GLU A 243 7.87 -4.43 2.17
C GLU A 243 7.70 -3.23 3.09
N MET A 244 6.65 -3.20 3.89
CA MET A 244 6.30 -2.04 4.71
C MET A 244 6.28 -2.43 6.19
N GLY A 245 7.46 -2.77 6.72
CA GLY A 245 7.63 -2.98 8.15
C GLY A 245 7.33 -4.39 8.64
N ALA A 246 7.03 -5.33 7.76
CA ALA A 246 6.73 -6.68 8.19
C ALA A 246 7.98 -7.36 8.72
N ASN A 247 7.92 -7.86 9.95
CA ASN A 247 9.01 -8.64 10.55
C ASN A 247 8.64 -10.11 10.41
N LEU A 248 9.14 -10.75 9.36
CA LEU A 248 8.80 -12.12 9.06
C LEU A 248 9.66 -13.14 9.80
N ASP A 249 10.76 -12.69 10.42
CA ASP A 249 11.64 -13.56 11.21
C ASP A 249 12.14 -14.75 10.38
N VAL A 250 12.70 -14.43 9.21
CA VAL A 250 13.24 -15.44 8.31
C VAL A 250 14.74 -15.23 8.16
N SER A 251 15.42 -16.27 7.69
CA SER A 251 16.85 -16.21 7.44
C SER A 251 17.20 -16.20 5.96
N ARG A 252 16.22 -16.34 5.07
CA ARG A 252 16.46 -16.32 3.63
C ARG A 252 15.29 -15.63 2.94
N VAL A 253 15.61 -14.82 1.94
CA VAL A 253 14.61 -14.16 1.11
C VAL A 253 14.78 -14.66 -0.31
N ILE A 254 13.70 -15.21 -0.88
CA ILE A 254 13.64 -15.55 -2.29
C ILE A 254 12.84 -14.46 -2.99
N ASP A 255 13.46 -13.81 -3.98
CA ASP A 255 12.89 -12.62 -4.61
C ASP A 255 13.01 -12.73 -6.11
N GLY A 256 11.90 -13.05 -6.79
CA GLY A 256 11.88 -12.98 -8.24
C GLY A 256 12.02 -11.59 -8.80
N ARG A 257 11.97 -10.56 -7.94
CA ARG A 257 12.16 -9.16 -8.32
C ARG A 257 11.14 -8.72 -9.36
N THR A 258 9.93 -9.27 -9.31
CA THR A 258 8.85 -8.89 -10.20
C THR A 258 7.65 -8.43 -9.37
N ASN A 259 6.74 -7.72 -10.04
CA ASN A 259 5.55 -7.22 -9.38
C ASN A 259 4.44 -7.07 -10.43
N ILE A 260 3.19 -7.16 -9.96
CA ILE A 260 2.06 -6.84 -10.82
C ILE A 260 2.12 -5.35 -11.16
N LYS A 261 1.46 -4.99 -12.26
CA LYS A 261 1.74 -3.74 -12.95
C LYS A 261 0.45 -3.13 -13.50
N PRO A 262 -0.45 -2.68 -12.62
CA PRO A 262 -1.73 -2.08 -13.10
C PRO A 262 -1.46 -0.81 -13.88
N GLU A 263 -1.87 -0.80 -15.13
CA GLU A 263 -1.69 0.32 -16.02
C GLU A 263 -3.00 0.67 -16.71
N GLU A 264 -3.20 1.98 -16.95
CA GLU A 264 -4.33 2.45 -17.75
C GLU A 264 -3.91 2.41 -19.21
N VAL A 265 -4.52 1.51 -19.98
CA VAL A 265 -4.25 1.36 -21.40
C VAL A 265 -5.57 1.46 -22.14
N ASP A 266 -5.69 2.47 -23.01
CA ASP A 266 -6.91 2.69 -23.78
C ASP A 266 -8.11 2.89 -22.84
N GLY A 267 -7.91 3.75 -21.84
CA GLY A 267 -8.98 4.07 -20.91
C GLY A 267 -9.44 2.91 -20.05
N LYS A 268 -8.67 1.82 -20.03
CA LYS A 268 -8.96 0.66 -19.19
C LYS A 268 -7.74 0.31 -18.37
N VAL A 269 -7.96 -0.15 -17.15
CA VAL A 269 -6.89 -0.57 -16.26
C VAL A 269 -6.62 -2.05 -16.51
N GLU A 270 -5.49 -2.34 -17.14
CA GLU A 270 -5.13 -3.71 -17.50
C GLU A 270 -4.26 -4.33 -16.42
N LEU A 271 -4.28 -5.67 -16.39
CA LEU A 271 -3.50 -6.46 -15.42
C LEU A 271 -2.80 -7.60 -16.15
N THR A 272 -1.89 -7.25 -17.04
CA THR A 272 -1.18 -8.22 -17.86
C THR A 272 0.32 -8.10 -17.63
N GLY A 273 0.97 -9.26 -17.50
CA GLY A 273 2.42 -9.30 -17.36
C GLY A 273 2.90 -8.79 -16.01
N THR A 274 4.22 -8.79 -15.86
CA THR A 274 4.87 -8.30 -14.65
C THR A 274 5.95 -7.29 -15.05
N ARG A 275 6.33 -6.47 -14.08
CA ARG A 275 7.43 -5.52 -14.24
C ARG A 275 8.51 -5.82 -13.22
N LYS A 276 9.75 -5.46 -13.56
CA LYS A 276 10.83 -5.60 -12.60
C LYS A 276 10.67 -4.56 -11.50
N VAL A 277 10.87 -4.99 -10.24
CA VAL A 277 10.67 -4.09 -9.12
C VAL A 277 11.67 -2.95 -9.17
N THR A 278 11.29 -1.83 -8.54
CA THR A 278 12.21 -0.72 -8.39
C THR A 278 13.35 -1.11 -7.45
N THR A 279 14.41 -0.30 -7.46
CA THR A 279 15.53 -0.54 -6.56
C THR A 279 15.10 -0.40 -5.10
N ALA A 280 14.11 0.44 -4.83
CA ALA A 280 13.62 0.59 -3.47
C ALA A 280 12.89 -0.66 -3.00
N SER A 281 12.08 -1.26 -3.88
CA SER A 281 11.35 -2.47 -3.51
C SER A 281 12.31 -3.63 -3.27
N ALA A 282 13.27 -3.83 -4.18
CA ALA A 282 14.24 -4.90 -4.01
C ALA A 282 15.06 -4.72 -2.74
N ALA A 283 15.39 -3.47 -2.41
CA ALA A 283 16.09 -3.19 -1.15
C ALA A 283 15.22 -3.53 0.04
N GLN A 284 13.91 -3.26 -0.06
CA GLN A 284 13.01 -3.56 1.05
C GLN A 284 12.73 -5.05 1.15
N ARG A 285 12.61 -5.73 0.00
CA ARG A 285 12.45 -7.19 0.03
C ARG A 285 13.68 -7.86 0.61
N ARG A 286 14.87 -7.45 0.15
CA ARG A 286 16.12 -7.93 0.73
C ARG A 286 16.22 -7.54 2.20
N GLY A 287 15.66 -6.39 2.57
CA GLY A 287 15.69 -5.91 3.94
C GLY A 287 14.96 -6.76 4.95
N ARG A 288 14.27 -7.81 4.52
CA ARG A 288 13.62 -8.71 5.46
C ARG A 288 14.62 -9.54 6.26
N VAL A 289 15.85 -9.69 5.75
CA VAL A 289 16.87 -10.48 6.42
C VAL A 289 18.07 -9.61 6.76
N GLY A 290 19.08 -10.20 7.38
CA GLY A 290 20.26 -9.44 7.80
C GLY A 290 19.96 -8.40 8.85
N ARG A 291 18.87 -8.56 9.61
CA ARG A 291 18.43 -7.50 10.50
C ARG A 291 19.31 -7.36 11.74
N THR A 292 20.11 -8.37 12.11
CA THR A 292 21.15 -8.17 13.12
C THR A 292 22.37 -8.99 12.70
N SER A 293 23.37 -9.02 13.59
CA SER A 293 24.74 -9.37 13.27
C SER A 293 25.14 -10.80 13.65
N GLY A 294 24.20 -11.64 14.07
CA GLY A 294 24.55 -12.96 14.53
C GLY A 294 25.07 -13.89 13.45
N ARG A 295 24.17 -14.37 12.60
CA ARG A 295 24.49 -15.30 11.53
C ARG A 295 24.53 -14.57 10.19
N THR A 296 24.72 -15.33 9.13
CA THR A 296 24.73 -14.79 7.77
C THR A 296 23.43 -15.20 7.08
N ASP A 297 22.66 -14.21 6.64
CA ASP A 297 21.39 -14.44 5.97
C ASP A 297 21.60 -14.51 4.46
N GLU A 298 20.58 -15.01 3.77
CA GLU A 298 20.64 -15.22 2.33
C GLU A 298 19.58 -14.39 1.62
N TYR A 299 19.97 -13.82 0.47
CA TYR A 299 19.04 -13.11 -0.40
C TYR A 299 19.22 -13.68 -1.81
N ILE A 300 18.29 -14.51 -2.23
CA ILE A 300 18.32 -15.16 -3.54
C ILE A 300 17.38 -14.40 -4.47
N TYR A 301 17.93 -13.82 -5.53
CA TYR A 301 17.16 -12.98 -6.44
C TYR A 301 17.38 -13.42 -7.88
N SER A 302 16.63 -12.78 -8.78
CA SER A 302 16.72 -13.07 -10.21
C SER A 302 16.32 -11.83 -10.98
N GLY A 303 17.22 -11.34 -11.83
CA GLY A 303 16.95 -10.18 -12.67
C GLY A 303 17.42 -8.88 -12.06
N GLN A 304 17.36 -7.83 -12.88
CA GLN A 304 17.75 -6.49 -12.48
C GLN A 304 16.53 -5.63 -12.19
N CYS A 305 16.75 -4.52 -11.50
CA CYS A 305 15.67 -3.63 -11.10
C CYS A 305 15.34 -2.64 -12.21
N ASP A 306 14.13 -2.09 -12.14
CA ASP A 306 13.66 -1.07 -13.06
C ASP A 306 13.00 0.03 -12.25
N ASP A 307 13.63 1.20 -12.19
CA ASP A 307 13.10 2.31 -11.41
C ASP A 307 11.99 3.08 -12.12
N ASP A 308 11.85 2.89 -13.44
CA ASP A 308 10.87 3.63 -14.22
C ASP A 308 9.51 2.95 -14.03
N ASP A 309 8.74 3.46 -13.07
CA ASP A 309 7.38 2.99 -12.82
C ASP A 309 6.35 4.09 -13.07
N THR A 310 6.68 5.04 -13.95
CA THR A 310 5.80 6.17 -14.18
C THR A 310 4.49 5.75 -14.84
N SER A 311 4.50 4.70 -15.65
CA SER A 311 3.31 4.27 -16.35
C SER A 311 2.30 3.58 -15.45
N LEU A 312 2.64 3.30 -14.20
CA LEU A 312 1.71 2.64 -13.29
C LEU A 312 0.55 3.57 -12.95
N VAL A 313 -0.65 3.00 -12.86
CA VAL A 313 -1.84 3.77 -12.54
C VAL A 313 -1.85 4.28 -11.11
N GLN A 314 -0.95 3.75 -10.26
CA GLN A 314 -0.92 4.18 -8.86
C GLN A 314 -0.62 5.67 -8.72
N TRP A 315 0.11 6.25 -9.68
CA TRP A 315 0.43 7.66 -9.61
C TRP A 315 -0.77 8.53 -9.99
N LYS A 316 -1.55 8.09 -10.99
CA LYS A 316 -2.80 8.78 -11.30
C LYS A 316 -3.80 8.64 -10.17
N GLU A 317 -3.88 7.45 -9.57
CA GLU A 317 -4.75 7.26 -8.42
C GLU A 317 -4.29 8.07 -7.23
N ALA A 318 -2.98 8.30 -7.10
CA ALA A 318 -2.47 9.13 -6.02
C ALA A 318 -2.90 10.58 -6.19
N GLN A 319 -2.81 11.10 -7.41
CA GLN A 319 -3.29 12.46 -7.66
C GLN A 319 -4.81 12.54 -7.53
N ILE A 320 -5.51 11.45 -7.86
CA ILE A 320 -6.96 11.41 -7.67
C ILE A 320 -7.29 11.59 -6.19
N LEU A 321 -6.54 10.91 -5.31
CA LEU A 321 -6.78 11.05 -3.88
C LEU A 321 -6.28 12.39 -3.36
N LEU A 322 -5.12 12.84 -3.84
CA LEU A 322 -4.56 14.11 -3.36
C LEU A 322 -5.44 15.28 -3.76
N ASP A 323 -5.99 15.26 -4.96
CA ASP A 323 -6.85 16.35 -5.42
C ASP A 323 -8.14 16.44 -4.61
N ASN A 324 -8.59 15.34 -4.00
CA ASN A 324 -9.84 15.33 -3.27
C ASN A 324 -9.66 15.42 -1.76
N ILE A 325 -8.42 15.35 -1.26
CA ILE A 325 -8.13 15.66 0.14
C ILE A 325 -7.56 17.04 0.30
N THR A 326 -7.42 17.79 -0.79
CA THR A 326 -7.00 19.18 -0.77
C THR A 326 -8.11 20.05 -1.31
N THR A 327 -7.91 21.36 -1.20
CA THR A 327 -8.88 22.36 -1.60
C THR A 327 -8.32 23.24 -2.72
N LEU A 328 -9.23 23.74 -3.56
CA LEU A 328 -8.84 24.64 -4.63
C LEU A 328 -8.13 25.88 -4.07
N ARG A 329 -8.54 26.32 -2.89
CA ARG A 329 -7.96 27.51 -2.30
C ARG A 329 -6.52 27.27 -1.87
N GLY A 330 -5.77 28.35 -1.80
CA GLY A 330 -4.41 28.31 -1.31
C GLY A 330 -3.44 27.74 -2.31
N PRO A 331 -2.23 27.44 -1.85
CA PRO A 331 -1.20 26.89 -2.74
C PRO A 331 -1.60 25.53 -3.28
N VAL A 332 -1.09 25.22 -4.48
CA VAL A 332 -1.37 23.94 -5.12
C VAL A 332 -0.53 22.86 -4.43
N ALA A 333 -1.15 21.70 -4.24
CA ALA A 333 -0.46 20.59 -3.59
C ALA A 333 0.34 19.80 -4.62
N THR A 334 1.38 19.12 -4.12
CA THR A 334 2.28 18.33 -4.97
C THR A 334 2.54 16.99 -4.30
N PHE A 335 3.12 16.08 -5.08
CA PHE A 335 3.68 14.87 -4.51
C PHE A 335 4.93 15.21 -3.70
N TYR A 336 5.43 14.22 -2.96
CA TYR A 336 6.63 14.44 -2.15
C TYR A 336 7.84 14.63 -3.05
N GLY A 337 8.35 15.87 -3.10
CA GLY A 337 9.61 16.20 -3.72
C GLY A 337 9.89 15.52 -5.05
N PRO A 338 10.80 14.54 -5.03
CA PRO A 338 11.21 13.89 -6.29
C PRO A 338 10.07 13.17 -7.00
N GLU A 339 9.02 12.78 -6.29
CA GLU A 339 7.92 12.04 -6.91
C GLU A 339 6.99 12.93 -7.73
N GLN A 340 7.11 14.26 -7.61
CA GLN A 340 6.22 15.16 -8.34
C GLN A 340 6.35 15.02 -9.85
N VAL A 341 7.50 14.54 -10.33
CA VAL A 341 7.67 14.31 -11.76
C VAL A 341 6.68 13.29 -12.29
N LYS A 342 6.17 12.41 -11.43
CA LYS A 342 5.28 11.33 -11.85
C LYS A 342 3.81 11.67 -11.71
N MET A 343 3.47 12.86 -11.22
CA MET A 343 2.07 13.29 -11.24
C MET A 343 1.63 13.45 -12.69
N PRO A 344 0.63 12.70 -13.16
CA PRO A 344 0.35 12.69 -14.61
C PRO A 344 -0.30 13.96 -15.13
N GLU A 345 -1.10 14.64 -14.33
CA GLU A 345 -1.77 15.86 -14.75
C GLU A 345 -1.46 16.99 -13.77
N VAL A 346 -1.85 18.21 -14.16
CA VAL A 346 -1.72 19.33 -13.26
C VAL A 346 -2.63 19.11 -12.05
N ALA A 347 -2.14 19.48 -10.87
CA ALA A 347 -2.87 19.17 -9.65
C ALA A 347 -4.19 19.93 -9.60
N GLY A 348 -5.19 19.30 -8.99
CA GLY A 348 -6.55 19.77 -9.02
C GLY A 348 -7.39 19.26 -10.17
N HIS A 349 -6.78 18.50 -11.10
CA HIS A 349 -7.50 18.03 -12.27
C HIS A 349 -8.59 17.02 -11.90
N TYR A 350 -8.42 16.30 -10.80
CA TYR A 350 -9.36 15.26 -10.39
C TYR A 350 -10.23 15.69 -9.21
N ARG A 351 -10.22 16.96 -8.85
CA ARG A 351 -10.99 17.43 -7.70
C ARG A 351 -12.48 17.38 -8.02
N LEU A 352 -13.26 16.86 -7.08
CA LEU A 352 -14.71 16.79 -7.19
C LEU A 352 -15.35 17.67 -6.13
N ASN A 353 -16.63 17.99 -6.34
CA ASN A 353 -17.36 18.74 -5.33
C ASN A 353 -17.67 17.86 -4.13
N GLU A 354 -18.20 18.48 -3.08
CA GLU A 354 -18.46 17.75 -1.84
C GLU A 354 -19.48 16.63 -2.04
N GLU A 355 -20.45 16.84 -2.93
CA GLU A 355 -21.45 15.80 -3.18
C GLU A 355 -20.84 14.60 -3.88
N LYS A 356 -20.13 14.84 -4.99
CA LYS A 356 -19.50 13.73 -5.70
C LYS A 356 -18.39 13.08 -4.89
N ARG A 357 -17.77 13.84 -3.99
CA ARG A 357 -16.68 13.28 -3.18
C ARG A 357 -17.22 12.26 -2.17
N LYS A 358 -18.40 12.52 -1.60
CA LYS A 358 -19.00 11.51 -0.72
C LYS A 358 -19.31 10.24 -1.48
N HIS A 359 -19.90 10.37 -2.68
CA HIS A 359 -20.10 9.20 -3.52
C HIS A 359 -18.77 8.54 -3.88
N PHE A 360 -17.75 9.36 -4.15
CA PHE A 360 -16.42 8.83 -4.45
C PHE A 360 -15.86 8.03 -3.29
N ARG A 361 -16.02 8.54 -2.06
CA ARG A 361 -15.50 7.83 -0.90
C ARG A 361 -16.36 6.62 -0.55
N HIS A 362 -17.67 6.71 -0.76
CA HIS A 362 -18.55 5.58 -0.45
C HIS A 362 -18.21 4.35 -1.30
N LEU A 363 -17.89 4.57 -2.58
CA LEU A 363 -17.54 3.45 -3.44
C LEU A 363 -16.28 2.75 -2.98
N MET A 364 -15.37 3.48 -2.33
CA MET A 364 -14.11 2.89 -1.88
C MET A 364 -14.27 2.17 -0.55
N THR A 365 -14.89 2.82 0.43
CA THR A 365 -14.97 2.25 1.77
C THR A 365 -16.06 1.19 1.88
N GLN A 366 -17.15 1.32 1.11
CA GLN A 366 -18.28 0.41 1.24
C GLN A 366 -18.44 -0.54 0.05
N CYS A 367 -17.86 -0.23 -1.10
CA CYS A 367 -17.96 -1.10 -2.27
C CYS A 367 -16.61 -1.63 -2.73
N ASP A 368 -15.53 -1.35 -2.00
CA ASP A 368 -14.20 -1.86 -2.31
C ASP A 368 -13.72 -1.46 -3.70
N PHE A 369 -14.21 -0.32 -4.20
CA PHE A 369 -13.78 0.16 -5.51
C PHE A 369 -12.36 0.70 -5.43
N THR A 370 -11.59 0.50 -6.50
CA THR A 370 -10.30 1.15 -6.61
C THR A 370 -10.50 2.65 -6.76
N PRO A 371 -9.51 3.45 -6.35
CA PRO A 371 -9.62 4.90 -6.55
C PRO A 371 -9.86 5.30 -8.00
N TRP A 372 -9.30 4.55 -8.95
CA TRP A 372 -9.50 4.86 -10.37
C TRP A 372 -10.97 4.67 -10.77
N LEU A 373 -11.53 3.49 -10.48
CA LEU A 373 -12.91 3.22 -10.85
C LEU A 373 -13.87 4.09 -10.05
N ALA A 374 -13.58 4.31 -8.76
CA ALA A 374 -14.46 5.11 -7.93
C ALA A 374 -14.56 6.55 -8.44
N TRP A 375 -13.44 7.10 -8.91
CA TRP A 375 -13.46 8.47 -9.41
C TRP A 375 -14.22 8.56 -10.72
N HIS A 376 -13.95 7.65 -11.66
CA HIS A 376 -14.61 7.70 -12.96
C HIS A 376 -16.12 7.52 -12.82
N VAL A 377 -16.55 6.70 -11.86
CA VAL A 377 -17.98 6.52 -11.62
C VAL A 377 -18.57 7.77 -10.97
N ALA A 378 -17.91 8.26 -9.92
CA ALA A 378 -18.47 9.38 -9.17
C ALA A 378 -18.53 10.66 -9.99
N THR A 379 -17.60 10.85 -10.93
CA THR A 379 -17.56 12.09 -11.69
C THR A 379 -18.48 12.08 -12.90
N ASN A 380 -18.92 10.91 -13.35
CA ASN A 380 -19.84 10.81 -14.48
C ASN A 380 -21.26 10.44 -14.09
N THR A 381 -21.49 10.05 -12.84
CA THR A 381 -22.80 9.63 -12.37
C THR A 381 -23.45 10.74 -11.54
N SER A 382 -24.78 10.79 -11.61
CA SER A 382 -25.56 11.78 -10.86
C SER A 382 -26.34 11.17 -9.70
N ASN A 383 -26.83 9.94 -9.84
CA ASN A 383 -27.60 9.26 -8.80
C ASN A 383 -26.79 8.11 -8.24
N VAL A 384 -26.66 8.07 -6.91
CA VAL A 384 -25.84 7.05 -6.27
C VAL A 384 -26.49 5.68 -6.31
N LEU A 385 -27.80 5.60 -6.56
CA LEU A 385 -28.47 4.32 -6.70
C LEU A 385 -28.55 3.85 -8.15
N ASP A 386 -28.13 4.67 -9.09
CA ASP A 386 -28.08 4.26 -10.48
C ASP A 386 -26.92 3.28 -10.69
N ARG A 387 -27.20 2.18 -11.38
CA ARG A 387 -26.20 1.16 -11.65
C ARG A 387 -26.08 0.84 -13.14
N SER A 388 -26.61 1.72 -14.00
CA SER A 388 -26.68 1.42 -15.43
C SER A 388 -25.30 1.41 -16.08
N TRP A 389 -24.31 2.10 -15.51
CA TRP A 389 -22.99 2.13 -16.11
C TRP A 389 -22.33 0.75 -16.10
N THR A 390 -22.80 -0.17 -15.25
CA THR A 390 -22.20 -1.49 -15.16
C THR A 390 -22.53 -2.38 -16.35
N TRP A 391 -23.47 -1.99 -17.21
CA TRP A 391 -23.83 -2.80 -18.36
C TRP A 391 -23.92 -2.00 -19.66
N GLN A 392 -23.56 -0.72 -19.65
CA GLN A 392 -23.65 0.13 -20.82
C GLN A 392 -22.30 0.39 -21.47
N GLY A 393 -21.26 -0.36 -21.11
CA GLY A 393 -19.97 -0.21 -21.73
C GLY A 393 -19.92 -0.86 -23.09
N PRO A 394 -18.80 -0.67 -23.78
CA PRO A 394 -18.62 -1.30 -25.09
C PRO A 394 -18.51 -2.81 -24.97
N GLU A 395 -18.75 -3.49 -26.09
CA GLU A 395 -18.72 -4.95 -26.11
C GLU A 395 -17.37 -5.49 -25.68
N GLU A 396 -16.30 -4.72 -25.86
CA GLU A 396 -14.97 -5.16 -25.47
C GLU A 396 -14.81 -5.27 -23.95
N ASN A 397 -15.68 -4.61 -23.19
CA ASN A 397 -15.60 -4.62 -21.74
C ASN A 397 -16.47 -5.69 -21.10
N ALA A 398 -17.03 -6.61 -21.89
CA ALA A 398 -17.82 -7.69 -21.32
C ALA A 398 -16.94 -8.58 -20.45
N ILE A 399 -17.48 -8.97 -19.30
CA ILE A 399 -16.76 -9.74 -18.29
C ILE A 399 -17.22 -11.19 -18.32
N ASP A 400 -16.26 -12.11 -18.29
CA ASP A 400 -16.57 -13.53 -18.29
C ASP A 400 -16.74 -14.04 -16.86
N GLY A 401 -17.63 -15.01 -16.69
CA GLY A 401 -17.85 -15.64 -15.42
C GLY A 401 -16.81 -16.69 -15.12
N ALA A 402 -17.01 -17.39 -14.00
CA ALA A 402 -16.08 -18.45 -13.62
C ALA A 402 -16.08 -19.59 -14.63
N ASP A 403 -17.20 -19.83 -15.30
CA ASP A 403 -17.30 -20.85 -16.33
C ASP A 403 -16.90 -20.34 -17.71
N GLY A 404 -16.38 -19.12 -17.80
CA GLY A 404 -15.98 -18.55 -19.07
C GLY A 404 -17.12 -17.98 -19.89
N ASP A 405 -18.34 -18.01 -19.40
CA ASP A 405 -19.49 -17.48 -20.12
C ASP A 405 -19.79 -16.06 -19.67
N LEU A 406 -20.80 -15.47 -20.29
CA LEU A 406 -21.19 -14.10 -19.97
C LEU A 406 -21.81 -14.02 -18.58
N VAL A 407 -21.55 -12.93 -17.88
CA VAL A 407 -22.06 -12.72 -16.53
C VAL A 407 -23.41 -12.02 -16.64
N ARG A 408 -24.48 -12.77 -16.42
CA ARG A 408 -25.84 -12.23 -16.46
C ARG A 408 -26.37 -12.07 -15.05
N PHE A 409 -26.98 -10.92 -14.78
CA PHE A 409 -27.57 -10.64 -13.48
C PHE A 409 -28.90 -9.92 -13.69
N LYS A 410 -29.76 -9.99 -12.68
CA LYS A 410 -31.07 -9.39 -12.71
C LYS A 410 -31.10 -8.14 -11.84
N THR A 411 -31.59 -7.05 -12.41
CA THR A 411 -31.83 -5.84 -11.64
C THR A 411 -33.02 -6.06 -10.70
N PRO A 412 -33.16 -5.23 -9.66
CA PRO A 412 -34.29 -5.43 -8.73
C PRO A 412 -35.66 -5.41 -9.40
N GLY A 413 -35.80 -4.75 -10.54
CA GLY A 413 -37.07 -4.72 -11.23
C GLY A 413 -37.41 -5.98 -12.01
N GLY A 414 -36.42 -6.79 -12.34
CA GLY A 414 -36.63 -7.98 -13.14
C GLY A 414 -35.83 -8.03 -14.41
N SER A 415 -35.23 -6.93 -14.83
CA SER A 415 -34.50 -6.90 -16.08
C SER A 415 -33.21 -7.68 -15.97
N GLU A 416 -32.86 -8.38 -17.04
CA GLU A 416 -31.62 -9.15 -17.11
C GLU A 416 -30.58 -8.36 -17.89
N ARG A 417 -29.41 -8.15 -17.29
CA ARG A 417 -28.32 -7.42 -17.91
C ARG A 417 -27.07 -8.28 -17.95
N VAL A 418 -26.13 -7.88 -18.79
CA VAL A 418 -24.83 -8.53 -18.91
C VAL A 418 -23.77 -7.59 -18.40
N LEU A 419 -22.91 -8.08 -17.49
CA LEU A 419 -21.87 -7.25 -16.91
C LEU A 419 -20.96 -6.68 -18.01
N GLN A 420 -20.99 -5.36 -18.14
CA GLN A 420 -20.29 -4.67 -19.22
C GLN A 420 -20.07 -3.21 -18.83
N PRO A 421 -19.11 -2.93 -17.95
CA PRO A 421 -18.99 -1.58 -17.39
C PRO A 421 -18.42 -0.60 -18.40
N VAL A 422 -18.84 0.66 -18.27
CA VAL A 422 -18.29 1.73 -19.11
C VAL A 422 -16.80 1.89 -18.83
N TRP A 423 -16.39 1.76 -17.57
CA TRP A 423 -14.99 1.84 -17.17
C TRP A 423 -14.59 0.48 -16.61
N LYS A 424 -13.66 -0.19 -17.29
CA LYS A 424 -13.22 -1.52 -16.91
C LYS A 424 -11.92 -1.43 -16.12
N ASP A 425 -11.97 -1.88 -14.87
CA ASP A 425 -10.79 -2.01 -14.01
C ASP A 425 -10.59 -3.49 -13.73
N CYS A 426 -9.53 -4.07 -14.29
CA CYS A 426 -9.29 -5.50 -14.15
C CYS A 426 -9.04 -5.91 -12.71
N ARG A 427 -8.61 -4.98 -11.85
CA ARG A 427 -8.38 -5.31 -10.45
C ARG A 427 -9.65 -5.65 -9.71
N MET A 428 -10.82 -5.37 -10.27
CA MET A 428 -12.08 -5.64 -9.61
C MET A 428 -12.55 -7.09 -9.78
N PHE A 429 -11.85 -7.92 -10.55
CA PHE A 429 -12.34 -9.24 -10.91
C PHE A 429 -11.29 -10.33 -10.69
N ARG A 430 -10.30 -10.03 -9.86
CA ARG A 430 -9.13 -10.86 -9.61
C ARG A 430 -8.11 -10.14 -8.73
N GLU A 431 -7.14 -10.88 -8.20
CA GLU A 431 -6.17 -10.34 -7.24
C GLU A 431 -6.87 -9.86 -5.96
N GLY A 432 -7.56 -10.80 -5.31
CA GLY A 432 -8.22 -10.53 -4.05
C GLY A 432 -9.67 -10.11 -4.15
N ARG A 433 -10.09 -9.57 -5.29
CA ARG A 433 -11.48 -9.17 -5.50
C ARG A 433 -12.19 -10.19 -6.37
N ASP A 434 -13.46 -10.45 -6.06
CA ASP A 434 -14.25 -11.46 -6.73
C ASP A 434 -15.29 -10.81 -7.63
N VAL A 435 -15.54 -11.43 -8.79
CA VAL A 435 -16.54 -10.92 -9.71
C VAL A 435 -17.93 -10.96 -9.10
N LYS A 436 -18.17 -11.93 -8.19
CA LYS A 436 -19.44 -11.96 -7.48
C LYS A 436 -19.69 -10.66 -6.74
N ASP A 437 -18.65 -10.12 -6.09
CA ASP A 437 -18.80 -8.90 -5.32
C ASP A 437 -19.23 -7.73 -6.19
N PHE A 438 -18.71 -7.65 -7.41
CA PHE A 438 -19.15 -6.60 -8.32
C PHE A 438 -20.61 -6.79 -8.72
N ILE A 439 -21.07 -8.04 -8.79
CA ILE A 439 -22.46 -8.30 -9.11
C ILE A 439 -23.38 -7.84 -7.98
N LEU A 440 -22.92 -7.89 -6.73
CA LEU A 440 -23.82 -7.47 -5.65
C LEU A 440 -24.14 -6.00 -5.80
N TYR A 441 -23.14 -5.19 -6.16
CA TYR A 441 -23.37 -3.77 -6.42
C TYR A 441 -24.15 -3.56 -7.72
N ALA A 442 -23.83 -4.32 -8.76
CA ALA A 442 -24.49 -4.13 -10.05
C ALA A 442 -25.97 -4.46 -9.97
N SER A 443 -26.33 -5.51 -9.23
CA SER A 443 -27.72 -5.92 -9.08
C SER A 443 -28.48 -5.12 -8.02
N GLY A 444 -27.82 -4.17 -7.36
CA GLY A 444 -28.51 -3.28 -6.45
C GLY A 444 -28.63 -3.80 -5.02
N ARG A 445 -27.57 -4.40 -4.50
CA ARG A 445 -27.54 -4.81 -3.11
C ARG A 445 -26.53 -3.99 -2.32
NI NI B . 10.63 -0.30 10.14
P PO4 C . 12.39 -2.72 13.95
O1 PO4 C . 12.29 -3.30 15.35
O2 PO4 C . 13.75 -3.09 13.38
O3 PO4 C . 11.31 -3.29 13.07
O4 PO4 C . 12.25 -1.22 14.01
P PO4 D . 13.88 -0.14 11.05
O1 PO4 D . 14.70 -0.74 12.17
O2 PO4 D . 12.56 0.31 11.59
O3 PO4 D . 13.66 -1.18 9.98
O4 PO4 D . 14.63 1.04 10.46
P PO4 E . 12.57 -0.09 6.76
O1 PO4 E . 13.57 0.56 7.68
O2 PO4 E . 11.53 -0.83 7.58
O3 PO4 E . 11.89 0.99 5.94
O4 PO4 E . 13.27 -1.06 5.84
#